data_2BV2
#
_entry.id   2BV2
#
_cell.length_a   98.037
_cell.length_b   29.788
_cell.length_c   57.278
_cell.angle_alpha   90.00
_cell.angle_beta   121.48
_cell.angle_gamma   90.00
#
_symmetry.space_group_name_H-M   'C 1 2 1'
#
loop_
_entity.id
_entity.type
_entity.pdbx_description
1 polymer 'CIONA BETAGAMMA-CRYSTALLIN'
2 non-polymer 'CALCIUM ION'
3 non-polymer 'ACETATE ION'
4 non-polymer 'SULFATE ION'
5 water water
#
_entity_poly.entity_id   1
_entity_poly.type   'polypeptide(L)'
_entity_poly.pdbx_seq_one_letter_code
;GKIILFEDVEFGGKKLELETSVSDLNVHGFNDIVSSIIVESGTWFVFDDEGFSGPSYKLTPGKYPNPGSWGGNDDELSSV
KQQ
;
_entity_poly.pdbx_strand_id   A,B
#
loop_
_chem_comp.id
_chem_comp.type
_chem_comp.name
_chem_comp.formula
ACT non-polymer 'ACETATE ION' 'C2 H3 O2 -1'
CA non-polymer 'CALCIUM ION' 'Ca 2'
SO4 non-polymer 'SULFATE ION' 'O4 S -2'
#
# COMPACT_ATOMS: atom_id res chain seq x y z
N GLY A 1 4.85 -22.62 1.93
CA GLY A 1 5.32 -21.70 0.88
C GLY A 1 6.81 -21.46 1.03
N LYS A 2 7.48 -21.20 -0.08
CA LYS A 2 8.89 -20.86 -0.06
C LYS A 2 9.16 -19.83 -1.14
N ILE A 3 9.76 -18.72 -0.73
CA ILE A 3 10.13 -17.65 -1.67
C ILE A 3 11.60 -17.33 -1.43
N ILE A 4 12.31 -17.04 -2.51
CA ILE A 4 13.72 -16.64 -2.46
C ILE A 4 13.89 -15.26 -3.09
N LEU A 5 14.40 -14.32 -2.30
CA LEU A 5 14.60 -12.94 -2.70
C LEU A 5 16.06 -12.76 -3.06
N PHE A 6 16.34 -12.04 -4.14
CA PHE A 6 17.70 -11.84 -4.63
C PHE A 6 18.04 -10.38 -4.71
N GLU A 7 19.29 -10.05 -4.36
CA GLU A 7 19.79 -8.69 -4.40
C GLU A 7 19.89 -8.11 -5.81
N ASP A 8 20.32 -8.94 -6.75
CA ASP A 8 20.50 -8.53 -8.14
C ASP A 8 19.47 -9.18 -9.08
N VAL A 9 19.29 -8.56 -10.23
CA VAL A 9 18.51 -9.14 -11.31
C VAL A 9 19.07 -10.49 -11.75
N GLU A 10 18.22 -11.27 -12.42
CA GLU A 10 18.63 -12.57 -12.96
C GLU A 10 19.15 -13.51 -11.88
N PHE A 11 18.63 -13.35 -10.66
CA PHE A 11 18.91 -14.27 -9.55
C PHE A 11 20.38 -14.28 -9.11
N GLY A 12 21.01 -13.13 -9.27
CA GLY A 12 22.36 -12.92 -8.80
C GLY A 12 22.44 -12.27 -7.42
N GLY A 13 23.66 -12.19 -6.91
CA GLY A 13 23.91 -11.49 -5.67
C GLY A 13 23.42 -12.25 -4.46
N LYS A 14 23.27 -11.52 -3.36
CA LYS A 14 22.84 -12.10 -2.08
C LYS A 14 21.40 -12.61 -2.16
N LYS A 15 21.13 -13.73 -1.50
CA LYS A 15 19.78 -14.26 -1.51
C LYS A 15 19.27 -14.51 -0.11
N LEU A 16 17.94 -14.44 0.02
CA LEU A 16 17.23 -14.69 1.28
C LEU A 16 16.07 -15.61 0.98
N GLU A 17 16.10 -16.81 1.56
CA GLU A 17 14.98 -17.75 1.42
C GLU A 17 14.05 -17.59 2.63
N LEU A 18 12.75 -17.46 2.35
CA LEU A 18 11.75 -17.32 3.39
C LEU A 18 10.62 -18.35 3.25
N GLU A 19 10.14 -18.83 4.40
CA GLU A 19 9.02 -19.74 4.44
C GLU A 19 7.90 -19.21 5.34
N THR A 20 8.01 -17.95 5.74
CA THR A 20 7.05 -17.33 6.64
C THR A 20 6.99 -15.86 6.25
N SER A 21 5.94 -15.18 6.68
CA SER A 21 5.79 -13.77 6.39
C SER A 21 6.84 -12.97 7.15
N VAL A 22 7.22 -11.82 6.61
CA VAL A 22 8.21 -10.94 7.23
C VAL A 22 7.72 -9.52 7.06
N SER A 23 7.35 -8.88 8.17
CA SER A 23 6.76 -7.53 8.13
C SER A 23 7.79 -6.45 7.88
N ASP A 24 9.07 -6.74 8.15
CA ASP A 24 10.11 -5.75 7.98
C ASP A 24 11.40 -6.42 7.50
N LEU A 25 11.66 -6.33 6.20
CA LEU A 25 12.86 -7.00 5.64
C LEU A 25 14.17 -6.52 6.21
N ASN A 26 14.19 -5.37 6.87
CA ASN A 26 15.40 -4.89 7.59
C ASN A 26 15.93 -5.88 8.61
N VAL A 27 15.05 -6.68 9.21
CA VAL A 27 15.48 -7.65 10.22
C VAL A 27 16.49 -8.63 9.65
N HIS A 28 16.40 -8.87 8.34
CA HIS A 28 17.34 -9.72 7.60
C HIS A 28 18.25 -8.96 6.63
N GLY A 29 18.32 -7.64 6.75
CA GLY A 29 19.20 -6.83 5.91
C GLY A 29 18.80 -6.81 4.44
N PHE A 30 17.52 -6.98 4.16
CA PHE A 30 17.01 -7.12 2.80
C PHE A 30 15.97 -6.06 2.43
N ASN A 31 15.95 -4.98 3.18
CA ASN A 31 15.07 -3.87 2.86
C ASN A 31 15.65 -3.06 1.70
N ASP A 32 14.79 -2.81 0.71
CA ASP A 32 15.10 -1.94 -0.42
C ASP A 32 16.34 -2.35 -1.21
N ILE A 33 16.53 -3.66 -1.37
CA ILE A 33 17.57 -4.15 -2.26
C ILE A 33 17.13 -5.20 -3.26
N VAL A 34 15.92 -5.73 -3.16
CA VAL A 34 15.53 -6.87 -3.99
C VAL A 34 15.32 -6.46 -5.46
N SER A 35 15.94 -7.24 -6.36
CA SER A 35 15.86 -6.99 -7.78
C SER A 35 15.42 -8.20 -8.61
N SER A 36 15.40 -9.42 -8.03
CA SER A 36 14.73 -10.56 -8.64
C SER A 36 14.23 -11.52 -7.55
N ILE A 37 13.34 -12.43 -7.96
CA ILE A 37 12.62 -13.30 -7.03
C ILE A 37 12.34 -14.64 -7.67
N ILE A 38 12.48 -15.71 -6.89
CA ILE A 38 12.01 -17.02 -7.28
C ILE A 38 10.98 -17.48 -6.26
N VAL A 39 9.77 -17.78 -6.70
CA VAL A 39 8.79 -18.43 -5.83
C VAL A 39 8.86 -19.92 -6.10
N GLU A 40 9.33 -20.69 -5.12
CA GLU A 40 9.41 -22.15 -5.27
C GLU A 40 8.04 -22.80 -5.06
N SER A 41 7.31 -22.34 -4.05
CA SER A 41 5.98 -22.82 -3.75
C SER A 41 5.18 -21.75 -3.04
N GLY A 42 3.87 -21.87 -3.11
CA GLY A 42 2.96 -20.95 -2.46
C GLY A 42 2.68 -19.74 -3.30
N THR A 43 1.62 -19.02 -2.93
CA THR A 43 1.35 -17.70 -3.50
C THR A 43 1.79 -16.68 -2.46
N TRP A 44 2.48 -15.63 -2.91
CA TRP A 44 3.07 -14.61 -2.03
C TRP A 44 2.66 -13.22 -2.48
N PHE A 45 2.43 -12.33 -1.51
CA PHE A 45 2.31 -10.92 -1.80
C PHE A 45 3.55 -10.22 -1.29
N VAL A 46 4.14 -9.39 -2.14
CA VAL A 46 5.30 -8.63 -1.72
C VAL A 46 4.91 -7.16 -1.77
N PHE A 47 5.42 -6.38 -0.80
CA PHE A 47 4.98 -5.02 -0.58
C PHE A 47 6.17 -4.06 -0.54
N ASP A 48 5.97 -2.86 -1.07
CA ASP A 48 6.99 -1.81 -1.03
C ASP A 48 7.10 -1.02 0.29
N ASP A 49 6.11 -1.12 1.18
CA ASP A 49 6.26 -0.60 2.54
C ASP A 49 6.37 -1.76 3.52
N GLU A 50 6.85 -1.43 4.71
CA GLU A 50 6.88 -2.40 5.81
C GLU A 50 5.45 -2.65 6.28
N GLY A 51 5.27 -3.77 6.97
CA GLY A 51 3.98 -4.08 7.56
C GLY A 51 2.89 -4.48 6.58
N PHE A 52 3.26 -5.13 5.47
CA PHE A 52 2.29 -5.60 4.51
C PHE A 52 1.42 -4.46 4.04
N SER A 53 2.08 -3.39 3.59
CA SER A 53 1.37 -2.18 3.20
C SER A 53 2.19 -1.52 2.12
N GLY A 54 1.67 -0.43 1.57
CA GLY A 54 2.26 0.17 0.36
C GLY A 54 1.96 -0.67 -0.88
N PRO A 55 2.46 -0.25 -2.05
CA PRO A 55 2.27 -0.99 -3.29
C PRO A 55 2.50 -2.50 -3.09
N SER A 56 1.57 -3.31 -3.58
CA SER A 56 1.61 -4.77 -3.36
C SER A 56 1.58 -5.49 -4.71
N TYR A 57 2.14 -6.70 -4.71
CA TYR A 57 2.34 -7.48 -5.92
C TYR A 57 2.14 -8.95 -5.61
N LYS A 58 1.30 -9.61 -6.40
CA LYS A 58 1.01 -11.03 -6.23
C LYS A 58 1.92 -11.89 -7.10
N LEU A 59 2.48 -12.91 -6.48
CA LEU A 59 3.49 -13.76 -7.11
C LEU A 59 3.09 -15.17 -6.85
N THR A 60 3.06 -15.97 -7.92
CA THR A 60 2.80 -17.41 -7.83
C THR A 60 4.08 -18.12 -8.23
N PRO A 61 4.14 -19.44 -8.01
CA PRO A 61 5.35 -20.21 -8.31
C PRO A 61 5.95 -19.94 -9.69
N GLY A 62 7.26 -19.72 -9.72
CA GLY A 62 7.95 -19.34 -10.93
C GLY A 62 9.08 -18.36 -10.64
N LYS A 63 9.77 -17.97 -11.71
CA LYS A 63 10.90 -17.08 -11.64
C LYS A 63 10.54 -15.68 -12.17
N TYR A 64 11.08 -14.69 -11.46
CA TYR A 64 10.83 -13.27 -11.73
C TYR A 64 12.20 -12.61 -11.81
N PRO A 65 12.78 -12.55 -13.03
CA PRO A 65 14.18 -12.12 -13.17
C PRO A 65 14.47 -10.64 -12.99
N ASN A 66 13.44 -9.80 -12.97
CA ASN A 66 13.61 -8.36 -12.69
C ASN A 66 12.30 -7.80 -12.12
N PRO A 67 12.35 -6.60 -11.52
CA PRO A 67 11.12 -6.09 -10.88
C PRO A 67 9.94 -5.88 -11.86
N GLY A 68 10.23 -5.52 -13.11
CA GLY A 68 9.19 -5.42 -14.14
C GLY A 68 8.38 -6.69 -14.29
N SER A 69 9.01 -7.85 -14.04
CA SER A 69 8.33 -9.12 -14.18
C SER A 69 7.24 -9.31 -13.13
N TRP A 70 7.32 -8.60 -12.00
CA TRP A 70 6.16 -8.57 -11.06
C TRP A 70 5.37 -7.24 -11.06
N GLY A 71 5.72 -6.34 -11.96
CA GLY A 71 5.07 -5.04 -12.12
C GLY A 71 5.53 -4.00 -11.12
N GLY A 72 6.70 -4.24 -10.52
CA GLY A 72 7.19 -3.41 -9.43
C GLY A 72 8.41 -2.58 -9.76
N ASN A 73 8.99 -2.02 -8.71
CA ASN A 73 10.13 -1.11 -8.76
C ASN A 73 11.37 -1.78 -8.16
N ASP A 74 12.54 -1.43 -8.67
CA ASP A 74 13.79 -2.00 -8.18
C ASP A 74 14.09 -1.46 -6.81
N ASP A 75 14.64 -2.32 -5.93
CA ASP A 75 15.18 -1.85 -4.66
C ASP A 75 14.11 -1.16 -3.81
N GLU A 76 12.94 -1.79 -3.73
CA GLU A 76 11.78 -1.25 -2.99
C GLU A 76 11.01 -2.21 -2.12
N LEU A 77 11.23 -3.51 -2.23
CA LEU A 77 10.47 -4.42 -1.39
C LEU A 77 10.86 -4.22 0.07
N SER A 78 9.87 -4.17 0.95
CA SER A 78 10.12 -4.01 2.38
C SER A 78 9.46 -5.05 3.27
N SER A 79 8.44 -5.74 2.77
CA SER A 79 7.79 -6.81 3.53
C SER A 79 7.16 -7.84 2.56
N VAL A 80 6.97 -9.08 3.04
CA VAL A 80 6.46 -10.18 2.23
C VAL A 80 5.51 -11.03 3.06
N LYS A 81 4.40 -11.46 2.45
CA LYS A 81 3.33 -12.18 3.15
C LYS A 81 2.84 -13.36 2.33
N GLN A 82 2.68 -14.51 2.99
CA GLN A 82 2.21 -15.71 2.35
C GLN A 82 0.68 -15.62 2.18
N GLN A 83 0.16 -16.05 1.03
CA GLN A 83 -1.28 -16.13 0.81
C GLN A 83 -1.80 -17.51 1.24
N GLY B 1 -18.49 9.37 13.66
CA GLY B 1 -17.81 8.18 13.10
C GLY B 1 -16.32 8.39 13.05
N LYS B 2 -15.64 7.55 12.28
CA LYS B 2 -14.19 7.51 12.28
C LYS B 2 -13.70 7.07 10.92
N ILE B 3 -12.80 7.88 10.35
CA ILE B 3 -12.20 7.58 9.06
C ILE B 3 -10.70 7.72 9.24
N ILE B 4 -9.95 6.89 8.51
CA ILE B 4 -8.51 6.87 8.61
C ILE B 4 -7.99 7.02 7.19
N LEU B 5 -7.14 8.03 6.99
CA LEU B 5 -6.54 8.30 5.71
C LEU B 5 -5.06 7.94 5.71
N PHE B 6 -4.58 7.34 4.61
CA PHE B 6 -3.16 6.92 4.51
C PHE B 6 -2.51 7.52 3.32
N GLU B 7 -1.21 7.78 3.46
CA GLU B 7 -0.38 8.33 2.39
C GLU B 7 -0.22 7.36 1.23
N ASP B 8 0.02 6.10 1.56
CA ASP B 8 0.33 5.11 0.55
C ASP B 8 -0.84 4.12 0.40
N VAL B 9 -0.85 3.42 -0.72
CA VAL B 9 -1.86 2.37 -0.94
C VAL B 9 -1.71 1.27 0.11
N GLU B 10 -2.75 0.47 0.28
CA GLU B 10 -2.71 -0.66 1.23
C GLU B 10 -2.37 -0.20 2.65
N PHE B 11 -2.81 0.99 3.01
CA PHE B 11 -2.75 1.46 4.41
C PHE B 11 -1.33 1.64 4.90
N GLY B 12 -0.44 2.06 3.98
CA GLY B 12 0.95 2.34 4.32
C GLY B 12 1.27 3.80 4.42
N GLY B 13 2.49 4.11 4.86
CA GLY B 13 2.92 5.50 5.03
C GLY B 13 2.22 6.20 6.18
N LYS B 14 2.21 7.53 6.13
CA LYS B 14 1.67 8.39 7.17
C LYS B 14 0.18 8.21 7.24
N LYS B 15 -0.38 8.20 8.44
CA LYS B 15 -1.83 8.06 8.58
C LYS B 15 -2.40 9.23 9.39
N LEU B 16 -3.68 9.48 9.21
CA LEU B 16 -4.40 10.53 9.87
C LEU B 16 -5.77 9.95 10.19
N GLU B 17 -6.12 9.91 11.47
CA GLU B 17 -7.47 9.54 11.88
C GLU B 17 -8.30 10.80 12.11
N LEU B 18 -9.56 10.74 11.69
CA LEU B 18 -10.47 11.85 11.84
C LEU B 18 -11.81 11.37 12.34
N GLU B 19 -12.45 12.15 13.19
CA GLU B 19 -13.80 11.84 13.66
C GLU B 19 -14.74 13.01 13.44
N THR B 20 -14.30 13.95 12.63
CA THR B 20 -15.09 15.11 12.27
C THR B 20 -14.84 15.44 10.82
N SER B 21 -15.74 16.21 10.23
CA SER B 21 -15.56 16.77 8.91
C SER B 21 -14.33 17.70 8.89
N VAL B 22 -13.63 17.74 7.75
CA VAL B 22 -12.49 18.62 7.55
C VAL B 22 -12.64 19.24 6.18
N SER B 23 -12.88 20.56 6.16
CA SER B 23 -13.06 21.31 4.93
C SER B 23 -11.79 21.46 4.08
N ASP B 24 -10.61 21.38 4.73
CA ASP B 24 -9.36 21.61 4.04
C ASP B 24 -8.28 20.73 4.68
N LEU B 25 -7.95 19.63 4.01
CA LEU B 25 -6.98 18.69 4.56
C LEU B 25 -5.58 19.27 4.72
N ASN B 26 -5.31 20.44 4.12
CA ASN B 26 -4.03 21.10 4.28
C ASN B 26 -3.72 21.42 5.72
N VAL B 27 -4.77 21.63 6.53
CA VAL B 27 -4.57 21.95 7.94
C VAL B 27 -3.94 20.78 8.69
N HIS B 28 -4.09 19.56 8.17
CA HIS B 28 -3.42 18.38 8.75
C HIS B 28 -2.23 17.89 7.92
N GLY B 29 -1.84 18.65 6.91
CA GLY B 29 -0.77 18.23 5.98
C GLY B 29 -1.15 17.04 5.10
N PHE B 30 -2.43 16.88 4.82
CA PHE B 30 -2.88 15.71 4.10
C PHE B 30 -3.58 15.99 2.79
N ASN B 31 -3.42 17.20 2.27
CA ASN B 31 -3.95 17.54 0.97
C ASN B 31 -3.18 16.86 -0.18
N ASP B 32 -3.94 16.25 -1.08
CA ASP B 32 -3.40 15.63 -2.29
C ASP B 32 -2.28 14.64 -2.01
N ILE B 33 -2.46 13.82 -0.97
CA ILE B 33 -1.58 12.68 -0.75
C ILE B 33 -2.28 11.36 -0.47
N VAL B 34 -3.59 11.37 -0.24
CA VAL B 34 -4.25 10.14 0.19
C VAL B 34 -4.32 9.11 -0.94
N SER B 35 -3.92 7.89 -0.61
CA SER B 35 -3.91 6.78 -1.55
C SER B 35 -4.63 5.55 -1.02
N SER B 36 -4.96 5.51 0.27
CA SER B 36 -5.90 4.51 0.78
C SER B 36 -6.64 5.05 2.00
N ILE B 37 -7.74 4.39 2.35
CA ILE B 37 -8.67 4.85 3.38
C ILE B 37 -9.26 3.65 4.08
N ILE B 38 -9.46 3.78 5.39
CA ILE B 38 -10.31 2.89 6.13
C ILE B 38 -11.39 3.70 6.82
N VAL B 39 -12.65 3.33 6.58
CA VAL B 39 -13.78 3.84 7.34
C VAL B 39 -14.13 2.81 8.41
N GLU B 40 -14.06 3.22 9.67
CA GLU B 40 -14.36 2.32 10.77
C GLU B 40 -15.80 2.39 11.21
N SER B 41 -16.41 3.57 11.05
CA SER B 41 -17.79 3.76 11.44
C SER B 41 -18.32 5.02 10.81
N GLY B 42 -19.62 5.02 10.52
CA GLY B 42 -20.30 6.13 9.90
C GLY B 42 -20.16 6.13 8.40
N THR B 43 -20.98 6.94 7.75
CA THR B 43 -20.87 7.20 6.33
C THR B 43 -20.10 8.49 6.14
N TRP B 44 -19.16 8.47 5.20
CA TRP B 44 -18.30 9.61 4.89
C TRP B 44 -18.36 9.96 3.42
N PHE B 45 -18.41 11.25 3.11
CA PHE B 45 -18.17 11.70 1.76
C PHE B 45 -16.79 12.31 1.70
N VAL B 46 -16.03 11.90 0.69
CA VAL B 46 -14.67 12.38 0.49
C VAL B 46 -14.61 13.09 -0.86
N PHE B 47 -13.88 14.20 -0.92
CA PHE B 47 -13.94 15.12 -2.05
C PHE B 47 -12.54 15.44 -2.59
N ASP B 48 -12.45 15.62 -3.90
CA ASP B 48 -11.17 15.96 -4.55
C ASP B 48 -10.84 17.48 -4.51
N ASP B 49 -11.76 18.29 -4.03
CA ASP B 49 -11.52 19.71 -3.87
C ASP B 49 -11.88 20.13 -2.45
N GLU B 50 -11.36 21.29 -2.07
CA GLU B 50 -11.60 21.91 -0.76
C GLU B 50 -13.08 22.27 -0.56
N GLY B 51 -13.51 22.34 0.68
CA GLY B 51 -14.87 22.77 1.02
C GLY B 51 -15.97 21.92 0.43
N PHE B 52 -15.75 20.61 0.42
CA PHE B 52 -16.77 19.66 0.00
C PHE B 52 -17.29 19.95 -1.41
N SER B 53 -16.35 20.17 -2.33
CA SER B 53 -16.64 20.34 -3.73
C SER B 53 -15.69 19.47 -4.55
N GLY B 54 -15.85 19.48 -5.87
CA GLY B 54 -15.10 18.59 -6.74
C GLY B 54 -15.74 17.22 -6.78
N PRO B 55 -15.14 16.29 -7.55
CA PRO B 55 -15.55 14.89 -7.56
C PRO B 55 -15.69 14.38 -6.13
N SER B 56 -16.81 13.70 -5.88
CA SER B 56 -17.12 13.18 -4.56
C SER B 56 -17.35 11.68 -4.58
N TYR B 57 -17.12 11.05 -3.44
CA TYR B 57 -17.24 9.61 -3.28
C TYR B 57 -17.84 9.28 -1.91
N LYS B 58 -18.83 8.39 -1.89
CA LYS B 58 -19.50 8.00 -0.65
C LYS B 58 -18.89 6.71 -0.14
N LEU B 59 -18.48 6.71 1.12
CA LEU B 59 -17.86 5.54 1.73
C LEU B 59 -18.49 5.16 3.04
N THR B 60 -18.80 3.88 3.14
CA THR B 60 -19.34 3.29 4.35
C THR B 60 -18.25 2.45 4.98
N PRO B 61 -18.47 1.93 6.20
CA PRO B 61 -17.40 1.15 6.83
C PRO B 61 -16.82 0.02 5.98
N GLY B 62 -15.50 -0.05 5.98
CA GLY B 62 -14.79 -0.96 5.11
C GLY B 62 -13.39 -0.43 4.86
N LYS B 63 -12.62 -1.22 4.16
CA LYS B 63 -11.26 -0.87 3.76
C LYS B 63 -11.30 -0.46 2.30
N TYR B 64 -10.46 0.51 1.94
CA TYR B 64 -10.34 0.99 0.58
C TYR B 64 -8.86 1.07 0.24
N PRO B 65 -8.30 -0.05 -0.27
CA PRO B 65 -6.85 -0.17 -0.35
C PRO B 65 -6.16 0.65 -1.41
N ASN B 66 -6.93 1.21 -2.33
CA ASN B 66 -6.36 2.15 -3.29
C ASN B 66 -7.47 3.03 -3.83
N PRO B 67 -7.11 4.12 -4.54
CA PRO B 67 -8.16 5.01 -5.03
C PRO B 67 -9.23 4.33 -5.89
N GLY B 68 -8.85 3.34 -6.68
CA GLY B 68 -9.84 2.61 -7.44
C GLY B 68 -10.89 1.95 -6.56
N SER B 69 -10.54 1.64 -5.32
CA SER B 69 -11.49 1.05 -4.39
C SER B 69 -12.68 1.96 -4.08
N TRP B 70 -12.49 3.28 -4.16
CA TRP B 70 -13.62 4.21 -4.02
C TRP B 70 -14.00 4.88 -5.32
N GLY B 71 -13.41 4.41 -6.42
CA GLY B 71 -13.70 4.93 -7.73
C GLY B 71 -13.12 6.31 -8.01
N GLY B 72 -12.03 6.64 -7.31
CA GLY B 72 -11.44 7.95 -7.40
C GLY B 72 -9.99 8.00 -7.87
N ASN B 73 -9.35 9.10 -7.53
CA ASN B 73 -8.03 9.46 -8.03
C ASN B 73 -7.00 9.52 -6.94
N ASP B 74 -5.79 9.07 -7.28
CA ASP B 74 -4.67 9.08 -6.37
C ASP B 74 -4.30 10.51 -6.04
N ASP B 75 -3.93 10.75 -4.77
CA ASP B 75 -3.33 12.00 -4.35
C ASP B 75 -4.18 13.20 -4.76
N GLU B 76 -5.50 13.07 -4.59
CA GLU B 76 -6.41 14.17 -4.89
C GLU B 76 -7.33 14.57 -3.75
N LEU B 77 -7.53 13.73 -2.73
CA LEU B 77 -8.52 14.09 -1.69
C LEU B 77 -8.08 15.40 -1.03
N SER B 78 -9.04 16.30 -0.85
CA SER B 78 -8.81 17.60 -0.23
C SER B 78 -9.77 17.96 0.92
N SER B 79 -10.91 17.26 1.02
CA SER B 79 -11.83 17.48 2.14
C SER B 79 -12.62 16.19 2.37
N VAL B 80 -13.15 16.02 3.57
CA VAL B 80 -13.94 14.86 3.96
C VAL B 80 -15.09 15.32 4.88
N LYS B 81 -16.27 14.71 4.69
CA LYS B 81 -17.49 15.15 5.39
C LYS B 81 -18.25 13.95 5.93
N GLN B 82 -18.68 14.04 7.20
CA GLN B 82 -19.60 13.07 7.78
C GLN B 82 -20.99 13.25 7.15
N GLN B 83 -21.65 12.13 6.86
CA GLN B 83 -23.05 12.15 6.39
C GLN B 83 -23.94 12.93 7.36
CA CA C . 19.19 -4.66 -6.00
CA CA D . 10.40 -0.16 0.45
C ACT E . 9.27 -9.62 10.92
O ACT E . 8.06 -9.95 10.78
OXT ACT E . 9.65 -8.54 10.42
CH3 ACT E . 10.25 -10.51 11.63
S SO4 F . 2.33 -25.48 -3.71
O1 SO4 F . 2.36 -24.04 -3.50
O2 SO4 F . 1.02 -25.89 -4.19
O3 SO4 F . 3.35 -25.85 -4.69
O4 SO4 F . 2.64 -26.16 -2.45
CA CA G . -0.16 9.06 -1.87
CA CA H . -7.47 17.79 -4.45
#